data_3FWE
#
_entry.id   3FWE
#
_cell.length_a   67.996
_cell.length_b   67.996
_cell.length_c   230.113
_cell.angle_alpha   90.000
_cell.angle_beta   90.000
_cell.angle_gamma   90.000
#
_symmetry.space_group_name_H-M   'P 43 21 2'
#
loop_
_entity.id
_entity.type
_entity.pdbx_description
1 polymer 'Catabolite gene activator'
2 non-polymer PROLINE
3 water water
#
_entity_poly.entity_id   1
_entity_poly.type   'polypeptide(L)'
_entity_poly.pdbx_seq_one_letter_code
;MVLGKPQTDPTLEWFLSHCHIHKYPSKSTLIHQGEKAETLYYIVKGSVAVLIKDEEGKEMILSYLNQGDFIGELGLFEEG
QERSAWVRAKTACEVAEISYKKFRQLIQVNPDILMRLSAQMARRLQVTSEKVGNLAFLLVTGRIAQTLLNLAKQPDAMTH
PDGMQIKITRQEIGQIVGCSRETVGRILKMLEDQNLISAHGKTIVVYGTR
;
_entity_poly.pdbx_strand_id   A,B
#
# COMPACT_ATOMS: atom_id res chain seq x y z
N GLN A 7 30.59 10.75 -4.28
CA GLN A 7 29.85 9.81 -5.19
C GLN A 7 30.06 8.34 -4.81
N THR A 8 30.65 8.11 -3.63
CA THR A 8 30.96 6.74 -3.17
C THR A 8 30.02 6.28 -2.06
N ASP A 9 29.68 4.99 -2.12
CA ASP A 9 28.80 4.37 -1.14
C ASP A 9 29.49 3.11 -0.57
N PRO A 10 30.45 3.30 0.36
CA PRO A 10 31.25 2.19 0.91
C PRO A 10 30.42 1.07 1.52
N THR A 11 29.34 1.43 2.23
CA THR A 11 28.44 0.44 2.83
C THR A 11 27.79 -0.45 1.78
N LEU A 12 27.41 0.14 0.65
CA LEU A 12 26.82 -0.61 -0.47
C LEU A 12 27.85 -1.55 -1.08
N GLU A 13 29.05 -1.03 -1.31
CA GLU A 13 30.17 -1.81 -1.81
C GLU A 13 30.45 -3.02 -0.92
N TRP A 14 30.44 -2.78 0.39
CA TRP A 14 30.59 -3.82 1.39
C TRP A 14 29.46 -4.86 1.28
N PHE A 15 28.22 -4.39 1.26
CA PHE A 15 27.06 -5.27 1.08
C PHE A 15 27.16 -6.11 -0.22
N LEU A 16 27.54 -5.45 -1.31
CA LEU A 16 27.62 -6.12 -2.61
C LEU A 16 28.75 -7.15 -2.71
N SER A 17 29.84 -6.92 -1.96
CA SER A 17 30.96 -7.85 -1.91
C SER A 17 30.54 -9.20 -1.31
N HIS A 18 29.46 -9.18 -0.52
CA HIS A 18 28.87 -10.40 0.03
C HIS A 18 27.76 -10.98 -0.86
N CYS A 19 27.52 -10.36 -2.01
CA CYS A 19 26.47 -10.81 -2.92
C CYS A 19 27.04 -11.48 -4.17
N HIS A 20 26.24 -12.35 -4.78
CA HIS A 20 26.49 -12.82 -6.13
C HIS A 20 25.63 -11.99 -7.08
N ILE A 21 26.28 -11.33 -8.03
CA ILE A 21 25.61 -10.45 -8.96
C ILE A 21 25.40 -11.17 -10.29
N HIS A 22 24.15 -11.22 -10.74
CA HIS A 22 23.78 -11.90 -11.97
C HIS A 22 23.16 -10.94 -12.98
N LYS A 23 23.38 -11.24 -14.26
CA LYS A 23 22.77 -10.50 -15.34
C LYS A 23 21.61 -11.30 -15.93
N TYR A 24 20.48 -10.62 -16.13
CA TYR A 24 19.31 -11.24 -16.73
C TYR A 24 18.89 -10.47 -17.98
N PRO A 25 18.81 -11.16 -19.14
CA PRO A 25 18.24 -10.50 -20.32
C PRO A 25 16.74 -10.25 -20.11
N SER A 26 16.18 -9.28 -20.84
CA SER A 26 14.78 -8.92 -20.70
C SER A 26 13.86 -10.11 -20.94
N LYS A 27 12.78 -10.17 -20.14
CA LYS A 27 11.75 -11.24 -20.20
C LYS A 27 12.13 -12.54 -19.49
N SER A 28 13.39 -12.70 -19.14
CA SER A 28 13.83 -13.89 -18.41
C SER A 28 13.41 -13.80 -16.94
N THR A 29 13.07 -14.96 -16.37
CA THR A 29 12.59 -15.06 -14.99
C THR A 29 13.75 -14.98 -13.99
N LEU A 30 13.55 -14.22 -12.92
CA LEU A 30 14.53 -14.13 -11.84
C LEU A 30 14.14 -15.07 -10.70
N ILE A 31 12.91 -14.94 -10.23
CA ILE A 31 12.38 -15.77 -9.16
C ILE A 31 11.14 -16.47 -9.70
N HIS A 32 11.19 -17.80 -9.68
CA HIS A 32 10.10 -18.61 -10.20
C HIS A 32 8.99 -18.75 -9.17
N GLN A 33 7.81 -19.17 -9.62
CA GLN A 33 6.65 -19.40 -8.75
C GLN A 33 6.95 -20.48 -7.72
N GLY A 34 6.58 -20.21 -6.47
CA GLY A 34 6.66 -21.20 -5.40
C GLY A 34 8.04 -21.45 -4.83
N GLU A 35 9.01 -20.61 -5.21
CA GLU A 35 10.36 -20.71 -4.67
C GLU A 35 10.38 -20.44 -3.16
N LYS A 36 10.82 -21.44 -2.41
CA LYS A 36 11.12 -21.30 -0.98
C LYS A 36 12.03 -20.09 -0.78
N ALA A 37 11.55 -19.09 -0.04
CA ALA A 37 12.25 -17.81 0.10
C ALA A 37 13.44 -17.87 1.07
N GLU A 38 14.64 -17.62 0.52
CA GLU A 38 15.90 -17.68 1.28
C GLU A 38 16.89 -16.58 0.83
N THR A 39 16.42 -15.68 -0.06
CA THR A 39 17.20 -14.63 -0.77
C THR A 39 16.09 -13.58 -1.00
N LEU A 40 16.15 -12.29 -0.66
CA LEU A 40 17.19 -11.21 -0.71
C LEU A 40 18.02 -10.84 -1.96
N TYR A 41 17.39 -9.96 -2.74
CA TYR A 41 17.92 -9.45 -3.99
C TYR A 41 18.04 -7.93 -3.92
N TYR A 42 18.98 -7.39 -4.69
CA TYR A 42 19.16 -5.95 -4.80
C TYR A 42 19.44 -5.63 -6.26
N ILE A 43 18.59 -4.82 -6.87
CA ILE A 43 18.75 -4.41 -8.26
C ILE A 43 19.88 -3.40 -8.39
N VAL A 44 20.95 -3.83 -9.05
CA VAL A 44 22.12 -2.97 -9.29
C VAL A 44 21.89 -2.10 -10.54
N LYS A 45 21.21 -2.67 -11.53
CA LYS A 45 20.89 -1.95 -12.77
C LYS A 45 19.64 -2.53 -13.41
N GLY A 46 18.90 -1.69 -14.12
CA GLY A 46 17.70 -2.12 -14.84
C GLY A 46 16.43 -2.21 -14.01
N SER A 47 15.42 -2.86 -14.56
CA SER A 47 14.13 -2.98 -13.89
C SER A 47 13.54 -4.38 -13.98
N VAL A 48 12.67 -4.70 -13.03
CA VAL A 48 11.98 -5.99 -13.01
C VAL A 48 10.48 -5.79 -12.84
N ALA A 49 9.71 -6.81 -13.19
CA ALA A 49 8.29 -6.85 -12.91
C ALA A 49 7.97 -8.02 -11.98
N VAL A 50 7.14 -7.75 -10.98
CA VAL A 50 6.58 -8.80 -10.13
C VAL A 50 5.18 -9.12 -10.66
N LEU A 51 4.95 -10.40 -10.99
CA LEU A 51 3.72 -10.83 -11.64
C LEU A 51 2.96 -11.89 -10.85
N ILE A 52 1.63 -11.90 -11.02
CA ILE A 52 0.78 -13.01 -10.63
C ILE A 52 -0.25 -13.30 -11.70
N LYS A 53 -0.71 -14.55 -11.76
CA LYS A 53 -1.87 -14.91 -12.56
C LYS A 53 -3.13 -14.56 -11.77
N ASP A 54 -4.14 -14.03 -12.46
CA ASP A 54 -5.44 -13.79 -11.84
C ASP A 54 -6.36 -15.00 -11.97
N GLU A 55 -7.66 -14.78 -11.80
CA GLU A 55 -8.67 -15.81 -12.05
C GLU A 55 -8.72 -16.12 -13.54
N GLU A 56 -8.80 -17.41 -13.87
CA GLU A 56 -8.65 -17.91 -15.24
C GLU A 56 -7.19 -18.09 -15.66
N GLY A 57 -6.38 -17.05 -15.46
CA GLY A 57 -4.93 -17.15 -15.67
C GLY A 57 -4.30 -16.08 -16.54
N LYS A 58 -4.63 -14.82 -16.28
CA LYS A 58 -4.04 -13.69 -16.99
C LYS A 58 -2.97 -13.01 -16.13
N GLU A 59 -1.92 -12.52 -16.80
CA GLU A 59 -0.80 -11.87 -16.12
C GLU A 59 -1.16 -10.51 -15.54
N MET A 60 -0.65 -10.24 -14.34
CA MET A 60 -0.97 -9.02 -13.60
C MET A 60 0.27 -8.54 -12.87
N ILE A 61 0.46 -7.21 -12.79
CA ILE A 61 1.63 -6.61 -12.15
C ILE A 61 1.37 -6.23 -10.70
N LEU A 62 2.24 -6.71 -9.80
CA LEU A 62 2.17 -6.38 -8.38
C LEU A 62 3.11 -5.22 -8.06
N SER A 63 4.24 -5.17 -8.76
CA SER A 63 5.23 -4.13 -8.58
C SER A 63 6.14 -4.01 -9.81
N TYR A 64 6.53 -2.78 -10.11
CA TYR A 64 7.67 -2.52 -11.00
C TYR A 64 8.81 -2.04 -10.09
N LEU A 65 9.92 -2.77 -10.12
CA LEU A 65 11.06 -2.45 -9.26
C LEU A 65 12.26 -2.04 -10.07
N ASN A 66 12.94 -1.00 -9.61
CA ASN A 66 14.04 -0.38 -10.32
C ASN A 66 15.34 -0.41 -9.52
N GLN A 67 16.41 0.10 -10.13
CA GLN A 67 17.73 0.18 -9.52
C GLN A 67 17.65 0.76 -8.10
N GLY A 68 18.22 0.03 -7.14
CA GLY A 68 18.22 0.45 -5.75
C GLY A 68 17.10 -0.18 -4.94
N ASP A 69 16.20 -0.87 -5.64
CA ASP A 69 15.10 -1.58 -4.99
C ASP A 69 15.51 -3.00 -4.58
N PHE A 70 14.84 -3.49 -3.54
CA PHE A 70 15.01 -4.86 -3.08
C PHE A 70 13.89 -5.74 -3.61
N ILE A 71 14.20 -7.02 -3.78
CA ILE A 71 13.20 -8.06 -4.02
C ILE A 71 13.39 -9.13 -2.95
N GLY A 72 12.29 -9.76 -2.54
CA GLY A 72 12.33 -10.82 -1.53
C GLY A 72 12.50 -10.33 -0.10
N GLU A 73 12.26 -9.04 0.14
CA GLU A 73 12.43 -8.45 1.47
C GLU A 73 11.37 -8.84 2.51
N LEU A 74 10.20 -9.26 2.05
CA LEU A 74 9.14 -9.72 2.94
C LEU A 74 9.44 -11.10 3.52
N GLY A 75 10.11 -11.93 2.72
CA GLY A 75 10.47 -13.28 3.13
C GLY A 75 11.60 -13.31 4.14
N LEU A 76 12.37 -12.23 4.23
CA LEU A 76 13.43 -12.09 5.23
C LEU A 76 12.90 -12.35 6.66
N PHE A 77 11.66 -11.97 6.88
CA PHE A 77 11.03 -12.11 8.19
C PHE A 77 10.07 -13.30 8.22
N GLU A 78 10.03 -14.03 7.10
CA GLU A 78 9.25 -15.26 6.97
C GLU A 78 9.98 -16.26 6.07
N GLU A 79 11.15 -16.72 6.51
CA GLU A 79 11.99 -17.61 5.69
C GLU A 79 11.32 -18.96 5.42
N GLY A 80 11.43 -19.41 4.17
CA GLY A 80 10.82 -20.66 3.74
C GLY A 80 9.51 -20.43 3.00
N GLN A 81 9.07 -19.17 2.99
CA GLN A 81 7.80 -18.77 2.39
C GLN A 81 7.74 -19.07 0.89
N GLU A 82 6.63 -19.66 0.47
CA GLU A 82 6.33 -19.88 -0.92
C GLU A 82 5.13 -19.04 -1.40
N ARG A 83 5.34 -18.11 -2.33
CA ARG A 83 4.21 -17.45 -2.92
C ARG A 83 4.01 -17.71 -4.41
N SER A 84 2.81 -17.44 -4.88
CA SER A 84 2.43 -17.72 -6.25
C SER A 84 2.91 -16.68 -7.22
N ALA A 85 3.49 -15.61 -6.70
CA ALA A 85 4.06 -14.60 -7.57
C ALA A 85 5.33 -15.10 -8.21
N TRP A 86 5.78 -14.37 -9.20
CA TRP A 86 7.08 -14.59 -9.81
C TRP A 86 7.66 -13.26 -10.31
N VAL A 87 8.96 -13.28 -10.58
CA VAL A 87 9.70 -12.06 -10.91
C VAL A 87 10.41 -12.22 -12.24
N ARG A 88 10.22 -11.22 -13.10
CA ARG A 88 10.72 -11.25 -14.47
C ARG A 88 11.51 -9.98 -14.75
N ALA A 89 12.51 -10.09 -15.61
CA ALA A 89 13.26 -8.93 -16.09
C ALA A 89 12.43 -8.09 -17.08
N LYS A 90 12.20 -6.83 -16.73
CA LYS A 90 11.51 -5.90 -17.62
C LYS A 90 12.47 -5.43 -18.71
N THR A 91 13.66 -5.03 -18.30
CA THR A 91 14.76 -4.72 -19.21
C THR A 91 15.91 -5.65 -18.84
N ALA A 92 17.01 -5.55 -19.60
CA ALA A 92 18.25 -6.16 -19.18
C ALA A 92 18.61 -5.59 -17.82
N CYS A 93 18.80 -6.47 -16.84
CA CYS A 93 19.05 -6.03 -15.47
C CYS A 93 20.21 -6.76 -14.83
N GLU A 94 20.76 -6.15 -13.78
CA GLU A 94 21.85 -6.72 -13.00
C GLU A 94 21.37 -6.77 -11.56
N VAL A 95 21.27 -7.98 -11.02
CA VAL A 95 20.70 -8.16 -9.69
C VAL A 95 21.66 -8.92 -8.79
N ALA A 96 21.97 -8.30 -7.65
CA ALA A 96 22.76 -8.91 -6.60
C ALA A 96 21.84 -9.74 -5.72
N GLU A 97 22.28 -10.95 -5.36
CA GLU A 97 21.52 -11.79 -4.44
C GLU A 97 22.37 -12.24 -3.25
N ILE A 98 21.73 -12.36 -2.10
CA ILE A 98 22.40 -12.81 -0.87
C ILE A 98 21.41 -13.66 -0.07
N SER A 99 21.91 -14.71 0.57
CA SER A 99 21.11 -15.52 1.48
C SER A 99 20.64 -14.66 2.67
N TYR A 100 19.45 -14.97 3.19
CA TYR A 100 18.95 -14.33 4.41
C TYR A 100 19.91 -14.56 5.58
N LYS A 101 20.44 -15.78 5.66
CA LYS A 101 21.40 -16.18 6.71
C LYS A 101 22.61 -15.24 6.76
N LYS A 102 23.22 -14.98 5.60
CA LYS A 102 24.39 -14.11 5.52
C LYS A 102 24.05 -12.64 5.79
N PHE A 103 22.92 -12.19 5.26
CA PHE A 103 22.45 -10.82 5.44
C PHE A 103 22.21 -10.50 6.92
N ARG A 104 21.71 -11.48 7.67
CA ARG A 104 21.49 -11.33 9.10
C ARG A 104 22.81 -11.14 9.88
N GLN A 105 23.87 -11.77 9.41
CA GLN A 105 25.22 -11.55 9.98
C GLN A 105 25.70 -10.15 9.67
N LEU A 106 25.35 -9.63 8.49
CA LEU A 106 25.77 -8.29 8.08
C LEU A 106 25.05 -7.21 8.88
N ILE A 107 23.75 -7.42 9.16
CA ILE A 107 22.90 -6.47 9.87
C ILE A 107 23.49 -6.06 11.22
N GLN A 108 24.03 -7.04 11.94
CA GLN A 108 24.66 -6.79 13.25
C GLN A 108 25.86 -5.85 13.14
N VAL A 109 26.66 -6.02 12.09
CA VAL A 109 27.81 -5.17 11.83
C VAL A 109 27.39 -3.74 11.48
N ASN A 110 26.52 -3.60 10.49
CA ASN A 110 26.05 -2.31 10.00
C ASN A 110 24.61 -2.43 9.48
N PRO A 111 23.66 -1.83 10.21
CA PRO A 111 22.23 -1.92 9.88
C PRO A 111 21.74 -1.04 8.71
N ASP A 112 22.67 -0.37 8.01
CA ASP A 112 22.31 0.60 6.97
C ASP A 112 21.51 0.01 5.79
N ILE A 113 21.88 -1.19 5.35
CA ILE A 113 21.18 -1.84 4.24
C ILE A 113 19.76 -2.27 4.64
N LEU A 114 19.59 -2.66 5.91
CA LEU A 114 18.27 -2.96 6.46
C LEU A 114 17.40 -1.69 6.54
N MET A 115 18.04 -0.56 6.83
CA MET A 115 17.38 0.74 6.84
C MET A 115 16.82 1.12 5.45
N ARG A 116 17.60 0.86 4.41
CA ARG A 116 17.19 1.15 3.03
C ARG A 116 16.02 0.26 2.63
N LEU A 117 16.11 -1.00 3.05
CA LEU A 117 15.09 -2.01 2.82
C LEU A 117 13.80 -1.63 3.56
N SER A 118 13.94 -1.18 4.80
CA SER A 118 12.80 -0.79 5.62
C SER A 118 12.16 0.49 5.13
N ALA A 119 12.97 1.40 4.59
CA ALA A 119 12.44 2.63 4.00
C ALA A 119 11.55 2.32 2.79
N GLN A 120 11.98 1.33 2.00
CA GLN A 120 11.20 0.87 0.85
C GLN A 120 9.84 0.33 1.30
N MET A 121 9.86 -0.49 2.35
CA MET A 121 8.62 -1.06 2.91
C MET A 121 7.70 0.01 3.48
N ALA A 122 8.29 1.02 4.13
CA ALA A 122 7.52 2.14 4.72
C ALA A 122 6.87 3.03 3.66
N ARG A 123 7.57 3.25 2.55
CA ARG A 123 7.04 4.04 1.42
C ARG A 123 5.86 3.31 0.76
N ARG A 124 5.97 1.99 0.71
CA ARG A 124 4.95 1.14 0.11
C ARG A 124 3.67 1.09 0.93
N LEU A 125 3.81 1.04 2.26
CA LEU A 125 2.67 1.14 3.16
C LEU A 125 1.94 2.48 3.01
N GLN A 126 2.72 3.53 2.74
CA GLN A 126 2.19 4.87 2.54
C GLN A 126 1.41 4.99 1.22
N VAL A 127 1.97 4.39 0.16
CA VAL A 127 1.33 4.33 -1.15
C VAL A 127 -0.04 3.63 -1.05
N THR A 128 -0.08 2.53 -0.31
CA THR A 128 -1.32 1.79 -0.07
C THR A 128 -2.36 2.61 0.67
N SER A 129 -1.92 3.45 1.60
CA SER A 129 -2.82 4.32 2.36
C SER A 129 -3.46 5.42 1.52
N GLU A 130 -2.79 5.82 0.43
CA GLU A 130 -3.25 6.91 -0.42
C GLU A 130 -4.38 6.51 -1.38
N LYS A 131 -4.73 5.22 -1.36
CA LYS A 131 -5.85 4.72 -2.16
C LYS A 131 -7.24 4.98 -1.54
N VAL A 132 -7.27 5.36 -0.26
CA VAL A 132 -8.51 5.68 0.47
C VAL A 132 -8.92 7.16 0.28
N GLY A 133 -10.15 7.46 -0.14
CA GLY A 133 -11.10 6.50 -0.66
C GLY A 133 -12.56 6.64 -0.28
N ASN A 134 -13.15 7.83 -0.33
CA ASN A 134 -14.62 7.91 -0.16
C ASN A 134 -15.39 7.48 -1.40
N LEU A 135 -16.70 7.20 -1.25
CA LEU A 135 -17.48 6.64 -2.36
C LEU A 135 -17.48 7.51 -3.62
N ALA A 136 -17.73 8.82 -3.45
CA ALA A 136 -17.60 9.77 -4.57
C ALA A 136 -16.22 9.69 -5.24
N PHE A 137 -15.17 9.64 -4.41
CA PHE A 137 -13.79 9.54 -4.89
C PHE A 137 -13.57 8.28 -5.72
N LEU A 138 -14.05 7.15 -5.21
CA LEU A 138 -13.92 5.87 -5.89
C LEU A 138 -14.64 5.85 -7.23
N LEU A 139 -15.79 6.52 -7.31
CA LEU A 139 -16.56 6.64 -8.56
C LEU A 139 -15.78 7.48 -9.57
N VAL A 140 -15.27 8.62 -9.11
CA VAL A 140 -14.47 9.51 -9.96
C VAL A 140 -13.23 8.80 -10.50
N THR A 141 -12.57 8.05 -9.62
CA THR A 141 -11.43 7.22 -10.01
C THR A 141 -11.78 6.25 -11.12
N GLY A 142 -12.92 5.58 -10.99
CA GLY A 142 -13.38 4.59 -11.96
C GLY A 142 -13.73 5.22 -13.30
N ARG A 143 -14.34 6.42 -13.26
CA ARG A 143 -14.66 7.19 -14.46
C ARG A 143 -13.39 7.66 -15.19
N ILE A 144 -12.39 8.06 -14.42
CA ILE A 144 -11.09 8.45 -14.98
C ILE A 144 -10.38 7.25 -15.64
N ALA A 145 -10.34 6.13 -14.92
CA ALA A 145 -9.81 4.88 -15.47
C ALA A 145 -10.55 4.47 -16.75
N GLN A 146 -11.87 4.60 -16.71
CA GLN A 146 -12.75 4.26 -17.84
C GLN A 146 -12.40 5.10 -19.07
N THR A 147 -12.19 6.39 -18.85
CA THR A 147 -11.88 7.34 -19.91
C THR A 147 -10.54 7.01 -20.59
N LEU A 148 -9.53 6.70 -19.78
CA LEU A 148 -8.21 6.34 -20.29
C LEU A 148 -8.23 5.02 -21.04
N LEU A 149 -8.94 4.04 -20.47
CA LEU A 149 -9.07 2.71 -21.06
C LEU A 149 -9.73 2.77 -22.46
N ASN A 150 -10.79 3.54 -22.59
CA ASN A 150 -11.49 3.69 -23.87
C ASN A 150 -10.63 4.38 -24.92
N LEU A 151 -9.85 5.39 -24.51
CA LEU A 151 -8.91 6.07 -25.42
C LEU A 151 -7.86 5.13 -25.99
N ALA A 152 -7.41 4.17 -25.18
CA ALA A 152 -6.42 3.17 -25.60
C ALA A 152 -6.98 2.17 -26.61
N LYS A 153 -8.30 2.10 -26.69
CA LYS A 153 -8.99 1.23 -27.65
C LYS A 153 -9.26 1.93 -28.99
N GLN A 154 -9.09 3.25 -29.02
CA GLN A 154 -9.37 4.05 -30.21
C GLN A 154 -8.28 3.89 -31.28
N PRO A 155 -8.63 4.05 -32.57
CA PRO A 155 -7.69 3.89 -33.69
C PRO A 155 -6.50 4.85 -33.65
N ASP A 156 -6.69 6.03 -33.06
CA ASP A 156 -5.61 7.03 -32.98
C ASP A 156 -4.69 6.87 -31.77
N ALA A 157 -4.83 5.74 -31.07
CA ALA A 157 -3.90 5.37 -30.00
C ALA A 157 -2.65 4.76 -30.60
N MET A 158 -1.51 4.97 -29.93
CA MET A 158 -0.23 4.49 -30.44
C MET A 158 0.31 3.31 -29.64
N THR A 159 0.93 2.37 -30.35
CA THR A 159 1.50 1.17 -29.73
C THR A 159 2.77 1.50 -28.94
N HIS A 160 2.80 1.08 -27.69
CA HIS A 160 3.92 1.31 -26.78
C HIS A 160 4.35 -0.05 -26.20
N PRO A 161 5.65 -0.25 -25.97
CA PRO A 161 6.13 -1.50 -25.38
C PRO A 161 5.35 -1.95 -24.14
N ASP A 162 4.95 -1.00 -23.30
CA ASP A 162 4.24 -1.29 -22.06
C ASP A 162 2.73 -1.34 -22.21
N GLY A 163 2.23 -0.93 -23.38
CA GLY A 163 0.80 -0.98 -23.68
C GLY A 163 0.37 -0.04 -24.79
N MET A 164 -0.60 0.81 -24.50
CA MET A 164 -1.10 1.78 -25.47
C MET A 164 -0.87 3.22 -25.01
N GLN A 165 -0.28 4.01 -25.89
CA GLN A 165 0.05 5.41 -25.62
C GLN A 165 -1.09 6.33 -26.10
N ILE A 166 -1.62 7.10 -25.17
CA ILE A 166 -2.71 8.04 -25.45
C ILE A 166 -2.34 9.49 -25.14
N LYS A 167 -3.07 10.43 -25.72
CA LYS A 167 -2.80 11.85 -25.56
C LYS A 167 -4.02 12.53 -24.95
N ILE A 168 -3.85 13.07 -23.74
CA ILE A 168 -4.91 13.79 -23.04
C ILE A 168 -4.35 14.60 -21.87
N THR A 169 -4.89 15.80 -21.66
CA THR A 169 -4.43 16.67 -20.58
C THR A 169 -5.25 16.44 -19.30
N ARG A 170 -4.70 16.89 -18.19
CA ARG A 170 -5.35 16.81 -16.88
C ARG A 170 -6.64 17.63 -16.82
N GLN A 171 -6.65 18.79 -17.47
CA GLN A 171 -7.87 19.61 -17.55
C GLN A 171 -8.95 18.93 -18.40
N GLU A 172 -8.55 18.32 -19.52
CA GLU A 172 -9.46 17.55 -20.38
C GLU A 172 -10.13 16.42 -19.62
N ILE A 173 -9.34 15.69 -18.83
CA ILE A 173 -9.86 14.60 -18.01
C ILE A 173 -10.85 15.14 -16.98
N GLY A 174 -10.45 16.20 -16.27
CA GLY A 174 -11.29 16.82 -15.26
C GLY A 174 -12.61 17.35 -15.80
N GLN A 175 -12.55 18.05 -16.93
CA GLN A 175 -13.75 18.61 -17.55
C GLN A 175 -14.75 17.50 -17.92
N ILE A 176 -14.24 16.43 -18.55
CA ILE A 176 -15.06 15.27 -18.94
C ILE A 176 -15.73 14.61 -17.74
N VAL A 177 -14.92 14.33 -16.72
CA VAL A 177 -15.35 13.58 -15.54
C VAL A 177 -16.09 14.45 -14.52
N GLY A 178 -15.87 15.75 -14.55
CA GLY A 178 -16.49 16.70 -13.62
C GLY A 178 -15.80 16.82 -12.27
N CYS A 179 -14.48 16.90 -12.27
CA CYS A 179 -13.72 17.12 -11.03
C CYS A 179 -12.60 18.14 -11.20
N SER A 180 -12.07 18.62 -10.07
CA SER A 180 -10.98 19.60 -10.07
C SER A 180 -9.70 19.00 -10.64
N ARG A 181 -8.80 19.88 -11.09
CA ARG A 181 -7.48 19.48 -11.58
C ARG A 181 -6.66 18.79 -10.48
N GLU A 182 -6.89 19.20 -9.23
CA GLU A 182 -6.21 18.61 -8.07
C GLU A 182 -6.61 17.15 -7.88
N THR A 183 -7.90 16.85 -8.08
CA THR A 183 -8.40 15.48 -7.96
C THR A 183 -7.87 14.59 -9.08
N VAL A 184 -7.70 15.17 -10.27
CA VAL A 184 -7.16 14.44 -11.42
C VAL A 184 -5.69 14.04 -11.16
N GLY A 185 -4.90 15.00 -10.68
CA GLY A 185 -3.51 14.77 -10.30
C GLY A 185 -3.39 13.64 -9.30
N ARG A 186 -4.18 13.73 -8.23
CA ARG A 186 -4.23 12.71 -7.19
C ARG A 186 -4.56 11.31 -7.72
N ILE A 187 -5.45 11.23 -8.70
CA ILE A 187 -5.88 9.94 -9.25
C ILE A 187 -4.86 9.34 -10.23
N LEU A 188 -4.32 10.16 -11.12
CA LEU A 188 -3.26 9.74 -12.05
C LEU A 188 -2.01 9.23 -11.31
N LYS A 189 -1.62 9.96 -10.26
CA LYS A 189 -0.52 9.57 -9.40
C LYS A 189 -0.78 8.20 -8.75
N MET A 190 -1.98 8.06 -8.18
CA MET A 190 -2.45 6.78 -7.64
C MET A 190 -2.37 5.64 -8.68
N LEU A 191 -2.88 5.89 -9.89
CA LEU A 191 -2.84 4.89 -10.97
C LEU A 191 -1.43 4.52 -11.41
N GLU A 192 -0.53 5.50 -11.40
CA GLU A 192 0.87 5.30 -11.73
C GLU A 192 1.59 4.52 -10.61
N ASP A 193 1.25 4.84 -9.36
CA ASP A 193 1.81 4.14 -8.19
C ASP A 193 1.34 2.69 -8.13
N GLN A 194 0.13 2.45 -8.63
CA GLN A 194 -0.44 1.11 -8.71
C GLN A 194 0.05 0.36 -9.95
N ASN A 195 0.93 1.00 -10.73
CA ASN A 195 1.50 0.42 -11.95
C ASN A 195 0.45 0.05 -12.98
N LEU A 196 -0.50 0.97 -13.18
CA LEU A 196 -1.57 0.79 -14.16
C LEU A 196 -1.36 1.67 -15.38
N ILE A 197 -0.74 2.84 -15.14
CA ILE A 197 -0.36 3.76 -16.20
C ILE A 197 1.02 4.33 -15.93
N SER A 198 1.57 5.02 -16.92
CA SER A 198 2.65 5.98 -16.70
C SER A 198 2.24 7.31 -17.32
N ALA A 199 2.65 8.41 -16.70
CA ALA A 199 2.31 9.75 -17.17
C ALA A 199 3.55 10.60 -17.43
N HIS A 200 3.53 11.30 -18.57
CA HIS A 200 4.59 12.24 -18.91
C HIS A 200 4.01 13.38 -19.73
N GLY A 201 3.54 14.41 -19.03
CA GLY A 201 2.94 15.59 -19.67
C GLY A 201 1.57 15.29 -20.24
N LYS A 202 1.41 15.51 -21.54
CA LYS A 202 0.17 15.13 -22.24
C LYS A 202 0.10 13.61 -22.43
N THR A 203 1.27 12.98 -22.51
CA THR A 203 1.40 11.58 -22.86
C THR A 203 1.13 10.65 -21.68
N ILE A 204 0.18 9.73 -21.88
CA ILE A 204 -0.14 8.69 -20.89
C ILE A 204 -0.08 7.32 -21.55
N VAL A 205 0.66 6.41 -20.94
CA VAL A 205 0.70 5.01 -21.40
C VAL A 205 -0.20 4.18 -20.50
N VAL A 206 -1.23 3.58 -21.09
CA VAL A 206 -2.10 2.67 -20.35
C VAL A 206 -1.54 1.25 -20.49
N TYR A 207 -1.19 0.64 -19.37
CA TYR A 207 -0.55 -0.68 -19.37
C TYR A 207 -1.52 -1.79 -19.75
N GLY A 208 -1.02 -2.74 -20.54
CA GLY A 208 -1.79 -3.92 -20.96
C GLY A 208 -2.91 -3.60 -21.92
N GLN B 7 9.58 -17.62 28.79
CA GLN B 7 10.03 -16.96 27.52
C GLN B 7 9.84 -15.44 27.56
N THR B 8 10.87 -14.75 28.05
CA THR B 8 10.86 -13.29 28.10
C THR B 8 11.32 -12.68 26.78
N ASP B 9 11.19 -11.37 26.64
CA ASP B 9 11.59 -10.66 25.43
C ASP B 9 12.59 -9.55 25.79
N PRO B 10 13.89 -9.91 25.89
CA PRO B 10 14.94 -8.99 26.35
C PRO B 10 15.11 -7.76 25.45
N THR B 11 15.08 -7.96 24.14
CA THR B 11 15.19 -6.86 23.17
C THR B 11 14.08 -5.81 23.36
N LEU B 12 12.84 -6.28 23.53
CA LEU B 12 11.68 -5.39 23.68
C LEU B 12 11.79 -4.53 24.93
N GLU B 13 12.01 -5.17 26.07
CA GLU B 13 12.11 -4.44 27.35
C GLU B 13 13.33 -3.53 27.44
N TRP B 14 14.39 -3.88 26.73
CA TRP B 14 15.51 -2.95 26.53
C TRP B 14 15.04 -1.69 25.79
N PHE B 15 14.43 -1.88 24.61
CA PHE B 15 13.83 -0.78 23.84
C PHE B 15 12.85 0.06 24.66
N LEU B 16 11.99 -0.62 25.41
CA LEU B 16 10.94 0.05 26.20
C LEU B 16 11.48 0.94 27.32
N SER B 17 12.61 0.55 27.91
CA SER B 17 13.26 1.34 28.96
C SER B 17 13.74 2.69 28.41
N HIS B 18 13.94 2.76 27.09
CA HIS B 18 14.32 3.99 26.42
C HIS B 18 13.13 4.82 25.94
N CYS B 19 11.92 4.33 26.20
CA CYS B 19 10.69 4.98 25.76
C CYS B 19 9.91 5.60 26.90
N HIS B 20 9.12 6.61 26.57
CA HIS B 20 8.11 7.11 27.47
C HIS B 20 6.80 6.37 27.19
N ILE B 21 6.31 5.65 28.19
CA ILE B 21 5.12 4.80 28.06
C ILE B 21 3.90 5.50 28.65
N HIS B 22 2.91 5.78 27.81
CA HIS B 22 1.70 6.46 28.26
C HIS B 22 0.43 5.68 27.93
N LYS B 23 -0.59 5.87 28.77
CA LYS B 23 -1.86 5.17 28.63
C LYS B 23 -2.93 6.12 28.11
N TYR B 24 -3.63 5.67 27.07
CA TYR B 24 -4.67 6.45 26.44
C TYR B 24 -6.01 5.73 26.54
N PRO B 25 -7.03 6.40 27.15
CA PRO B 25 -8.37 5.83 27.10
C PRO B 25 -8.90 5.77 25.67
N SER B 26 -9.83 4.87 25.41
CA SER B 26 -10.42 4.74 24.07
C SER B 26 -11.04 6.05 23.60
N LYS B 27 -10.93 6.31 22.30
CA LYS B 27 -11.45 7.52 21.64
C LYS B 27 -10.57 8.77 21.82
N SER B 28 -9.54 8.69 22.66
CA SER B 28 -8.60 9.79 22.82
C SER B 28 -7.63 9.83 21.65
N THR B 29 -7.22 11.03 21.25
CA THR B 29 -6.32 11.21 20.11
C THR B 29 -4.85 11.13 20.53
N LEU B 30 -4.12 10.20 19.93
CA LEU B 30 -2.69 10.03 20.20
C LEU B 30 -1.86 11.00 19.37
N ILE B 31 -2.18 11.07 18.08
CA ILE B 31 -1.43 11.87 17.12
C ILE B 31 -2.41 12.71 16.30
N HIS B 32 -2.10 13.99 16.14
CA HIS B 32 -2.92 14.90 15.33
C HIS B 32 -2.31 15.07 13.94
N GLN B 33 -3.18 15.27 12.96
CA GLN B 33 -2.76 15.54 11.59
C GLN B 33 -2.04 16.89 11.52
N GLY B 34 -0.90 16.92 10.82
CA GLY B 34 -0.13 18.15 10.68
C GLY B 34 0.99 18.33 11.69
N GLU B 35 0.98 17.52 12.76
CA GLU B 35 2.07 17.52 13.74
C GLU B 35 3.39 17.19 13.07
N LYS B 36 4.45 17.88 13.48
CA LYS B 36 5.79 17.57 13.01
C LYS B 36 6.13 16.15 13.42
N ALA B 37 6.54 15.34 12.45
CA ALA B 37 6.90 13.95 12.71
C ALA B 37 8.35 13.86 13.19
N GLU B 38 8.52 13.60 14.49
CA GLU B 38 9.84 13.47 15.10
C GLU B 38 9.87 12.34 16.14
N THR B 39 8.77 11.58 16.20
CA THR B 39 8.57 10.56 17.22
C THR B 39 8.15 9.22 16.62
N LEU B 40 8.75 8.13 17.11
CA LEU B 40 8.32 6.78 16.79
C LEU B 40 7.49 6.22 17.94
N TYR B 41 6.41 5.51 17.61
CA TYR B 41 5.52 4.94 18.61
C TYR B 41 5.51 3.42 18.52
N TYR B 42 5.33 2.76 19.65
CA TYR B 42 5.15 1.32 19.67
C TYR B 42 3.96 1.00 20.55
N ILE B 43 3.06 0.16 20.02
CA ILE B 43 1.86 -0.19 20.75
C ILE B 43 2.14 -1.35 21.69
N VAL B 44 2.18 -1.04 22.99
CA VAL B 44 2.43 -2.03 24.03
C VAL B 44 1.18 -2.89 24.23
N LYS B 45 0.03 -2.23 24.36
CA LYS B 45 -1.26 -2.88 24.55
C LYS B 45 -2.33 -2.09 23.80
N GLY B 46 -3.37 -2.80 23.33
CA GLY B 46 -4.53 -2.15 22.73
C GLY B 46 -4.50 -2.01 21.22
N SER B 47 -5.47 -1.28 20.70
CA SER B 47 -5.58 -1.05 19.27
C SER B 47 -5.88 0.41 18.98
N VAL B 48 -5.38 0.88 17.85
CA VAL B 48 -5.61 2.25 17.41
C VAL B 48 -6.16 2.27 15.98
N ALA B 49 -6.80 3.38 15.63
CA ALA B 49 -7.25 3.60 14.27
C ALA B 49 -6.47 4.75 13.63
N VAL B 50 -5.98 4.54 12.42
CA VAL B 50 -5.32 5.60 11.67
C VAL B 50 -6.34 6.16 10.67
N LEU B 51 -6.67 7.44 10.82
CA LEU B 51 -7.79 8.01 10.10
C LEU B 51 -7.51 9.36 9.42
N ILE B 52 -8.19 9.56 8.29
CA ILE B 52 -8.18 10.84 7.57
C ILE B 52 -9.62 11.35 7.41
N LYS B 53 -9.76 12.56 6.88
CA LYS B 53 -11.07 13.20 6.74
C LYS B 53 -11.43 13.48 5.28
N ASP B 54 -12.74 13.52 5.01
CA ASP B 54 -13.28 13.95 3.72
C ASP B 54 -13.03 15.43 3.46
N GLU B 55 -13.44 15.88 2.28
CA GLU B 55 -13.52 17.31 1.97
C GLU B 55 -14.65 17.92 2.81
N GLU B 56 -15.63 17.08 3.17
CA GLU B 56 -16.71 17.47 4.08
C GLU B 56 -16.46 16.98 5.51
N GLY B 57 -15.20 16.61 5.80
CA GLY B 57 -14.77 16.28 7.16
C GLY B 57 -15.30 14.98 7.74
N LYS B 58 -15.66 14.03 6.88
CA LYS B 58 -16.12 12.73 7.34
C LYS B 58 -14.94 11.76 7.48
N GLU B 59 -14.94 10.99 8.55
CA GLU B 59 -13.79 10.15 8.93
C GLU B 59 -13.67 8.86 8.12
N MET B 60 -12.49 8.61 7.58
CA MET B 60 -12.18 7.36 6.90
C MET B 60 -10.98 6.68 7.56
N ILE B 61 -11.09 5.37 7.75
CA ILE B 61 -10.03 4.61 8.42
C ILE B 61 -9.06 4.01 7.40
N LEU B 62 -7.81 4.47 7.45
CA LEU B 62 -6.74 3.95 6.61
C LEU B 62 -6.35 2.54 7.02
N SER B 63 -6.25 2.31 8.34
CA SER B 63 -5.96 1.00 8.89
C SER B 63 -6.08 1.02 10.42
N TYR B 64 -6.19 -0.17 11.01
CA TYR B 64 -6.07 -0.36 12.44
C TYR B 64 -4.67 -0.87 12.78
N LEU B 65 -4.13 -0.41 13.89
CA LEU B 65 -2.82 -0.86 14.37
C LEU B 65 -2.98 -1.49 15.75
N ASN B 66 -2.34 -2.64 15.93
CA ASN B 66 -2.52 -3.43 17.15
C ASN B 66 -1.23 -3.59 17.95
N GLN B 67 -1.33 -4.28 19.09
CA GLN B 67 -0.16 -4.60 19.91
C GLN B 67 0.94 -5.23 19.07
N GLY B 68 2.14 -4.66 19.16
CA GLY B 68 3.29 -5.15 18.40
C GLY B 68 3.57 -4.31 17.17
N ASP B 69 2.63 -3.43 16.80
CA ASP B 69 2.81 -2.54 15.67
C ASP B 69 3.53 -1.26 16.10
N PHE B 70 4.22 -0.65 15.15
CA PHE B 70 4.82 0.67 15.34
C PHE B 70 3.99 1.70 14.59
N ILE B 71 4.09 2.96 15.01
CA ILE B 71 3.47 4.07 14.30
C ILE B 71 4.54 5.11 13.97
N GLY B 72 4.49 5.67 12.77
CA GLY B 72 5.39 6.75 12.38
C GLY B 72 6.75 6.30 11.85
N GLU B 73 6.77 5.14 11.21
CA GLU B 73 8.02 4.59 10.66
C GLU B 73 8.56 5.39 9.49
N LEU B 74 7.67 5.88 8.63
CA LEU B 74 8.08 6.62 7.43
C LEU B 74 8.97 7.83 7.76
N GLY B 75 8.59 8.57 8.80
CA GLY B 75 9.33 9.76 9.24
C GLY B 75 10.75 9.47 9.70
N LEU B 76 10.97 8.23 10.16
CA LEU B 76 12.31 7.75 10.53
C LEU B 76 13.30 7.78 9.36
N PHE B 77 12.77 7.65 8.15
CA PHE B 77 13.58 7.61 6.93
C PHE B 77 13.45 8.88 6.10
N GLU B 78 12.22 9.35 5.93
CA GLU B 78 11.95 10.59 5.20
C GLU B 78 11.84 11.70 6.24
N GLU B 79 12.75 12.67 6.17
CA GLU B 79 12.85 13.70 7.21
C GLU B 79 12.12 15.02 6.88
N GLY B 80 11.02 14.91 6.13
CA GLY B 80 10.19 16.07 5.74
C GLY B 80 9.87 17.07 6.84
N GLN B 81 8.83 16.82 7.67
CA GLN B 81 7.85 15.74 7.51
C GLN B 81 6.70 16.01 8.48
N GLU B 82 5.50 16.20 7.94
CA GLU B 82 4.31 16.42 8.75
C GLU B 82 3.33 15.25 8.68
N ARG B 83 2.75 14.90 9.84
CA ARG B 83 1.79 13.80 9.93
C ARG B 83 0.61 13.93 8.97
N SER B 84 0.41 12.88 8.17
CA SER B 84 -0.65 12.83 7.18
C SER B 84 -1.99 12.38 7.78
N ALA B 85 -1.93 11.76 8.96
CA ALA B 85 -3.09 11.12 9.56
C ALA B 85 -3.22 11.32 11.07
N TRP B 86 -4.46 11.51 11.52
CA TRP B 86 -4.82 11.40 12.94
C TRP B 86 -4.69 9.95 13.39
N VAL B 87 -4.33 9.75 14.65
CA VAL B 87 -4.34 8.41 15.26
C VAL B 87 -5.13 8.47 16.56
N ARG B 88 -6.15 7.61 16.66
CA ARG B 88 -7.08 7.63 17.78
C ARG B 88 -7.18 6.23 18.39
N ALA B 89 -7.25 6.18 19.71
CA ALA B 89 -7.35 4.93 20.44
C ALA B 89 -8.69 4.24 20.18
N LYS B 90 -8.63 3.06 19.58
CA LYS B 90 -9.81 2.24 19.34
C LYS B 90 -10.26 1.62 20.67
N THR B 91 -9.31 1.00 21.36
CA THR B 91 -9.52 0.52 22.72
C THR B 91 -8.61 1.29 23.66
N ALA B 92 -8.71 1.02 24.97
CA ALA B 92 -7.73 1.54 25.92
C ALA B 92 -6.38 0.94 25.56
N CYS B 93 -5.38 1.79 25.41
CA CYS B 93 -4.08 1.33 24.94
C CYS B 93 -2.90 1.88 25.73
N GLU B 94 -1.78 1.16 25.66
CA GLU B 94 -0.50 1.61 26.19
C GLU B 94 0.45 1.80 25.02
N VAL B 95 1.03 2.98 24.92
CA VAL B 95 1.87 3.33 23.77
C VAL B 95 3.23 3.81 24.22
N ALA B 96 4.27 3.22 23.65
CA ALA B 96 5.66 3.59 23.91
C ALA B 96 6.10 4.64 22.89
N GLU B 97 6.86 5.62 23.38
CA GLU B 97 7.22 6.78 22.58
C GLU B 97 8.74 7.04 22.66
N ILE B 98 9.38 7.18 21.51
CA ILE B 98 10.80 7.52 21.44
C ILE B 98 11.04 8.50 20.29
N SER B 99 11.97 9.44 20.46
CA SER B 99 12.38 10.32 19.37
C SER B 99 13.10 9.50 18.28
N TYR B 100 13.03 9.99 17.04
CA TYR B 100 13.75 9.38 15.93
C TYR B 100 15.26 9.38 16.15
N LYS B 101 15.76 10.46 16.75
CA LYS B 101 17.19 10.63 17.07
C LYS B 101 17.68 9.53 18.01
N LYS B 102 16.97 9.33 19.13
CA LYS B 102 17.30 8.29 20.08
C LYS B 102 17.20 6.89 19.48
N PHE B 103 16.15 6.65 18.69
CA PHE B 103 15.96 5.34 18.07
C PHE B 103 17.07 5.00 17.09
N ARG B 104 17.55 5.99 16.35
CA ARG B 104 18.65 5.79 15.40
C ARG B 104 19.98 5.44 16.07
N GLN B 105 20.23 5.98 17.25
CA GLN B 105 21.44 5.59 18.00
C GLN B 105 21.34 4.18 18.60
N LEU B 106 20.14 3.80 19.04
CA LEU B 106 19.88 2.47 19.59
C LEU B 106 20.01 1.37 18.54
N ILE B 107 19.52 1.65 17.33
CA ILE B 107 19.62 0.76 16.18
C ILE B 107 21.06 0.36 15.89
N GLN B 108 21.97 1.32 15.97
CA GLN B 108 23.39 1.10 15.73
C GLN B 108 23.93 0.06 16.71
N VAL B 109 23.55 0.21 17.98
CA VAL B 109 24.01 -0.64 19.08
C VAL B 109 23.37 -2.03 19.02
N ASN B 110 22.05 -2.05 18.85
CA ASN B 110 21.31 -3.31 18.71
C ASN B 110 20.28 -3.25 17.56
N PRO B 111 20.65 -3.77 16.38
CA PRO B 111 19.78 -3.76 15.20
C PRO B 111 18.59 -4.72 15.25
N ASP B 112 18.55 -5.61 16.24
CA ASP B 112 17.39 -6.50 16.45
C ASP B 112 16.09 -5.71 16.56
N ILE B 113 16.17 -4.50 17.12
CA ILE B 113 14.97 -3.66 17.28
C ILE B 113 14.51 -3.04 15.95
N LEU B 114 15.44 -2.86 15.02
CA LEU B 114 15.13 -2.48 13.66
C LEU B 114 14.44 -3.66 12.96
N MET B 115 14.96 -4.87 13.21
CA MET B 115 14.37 -6.10 12.68
C MET B 115 12.93 -6.29 13.16
N ARG B 116 12.68 -5.90 14.40
CA ARG B 116 11.34 -5.95 14.99
C ARG B 116 10.38 -4.99 14.27
N LEU B 117 10.84 -3.75 14.08
CA LEU B 117 10.09 -2.72 13.37
C LEU B 117 9.82 -3.12 11.91
N SER B 118 10.86 -3.62 11.25
CA SER B 118 10.76 -4.07 9.85
C SER B 118 9.84 -5.28 9.66
N ALA B 119 9.86 -6.21 10.62
CA ALA B 119 9.04 -7.42 10.54
C ALA B 119 7.55 -7.13 10.57
N GLN B 120 7.13 -6.21 11.43
CA GLN B 120 5.71 -5.88 11.56
C GLN B 120 5.17 -5.07 10.37
N MET B 121 6.03 -4.27 9.74
CA MET B 121 5.71 -3.64 8.45
C MET B 121 5.51 -4.70 7.38
N ALA B 122 6.45 -5.64 7.32
CA ALA B 122 6.46 -6.71 6.33
C ALA B 122 5.21 -7.58 6.39
N ARG B 123 4.76 -7.87 7.61
CA ARG B 123 3.57 -8.67 7.84
C ARG B 123 2.30 -7.90 7.47
N ARG B 124 2.34 -6.57 7.63
CA ARG B 124 1.25 -5.71 7.18
C ARG B 124 1.22 -5.56 5.65
N LEU B 125 2.40 -5.60 5.02
CA LEU B 125 2.51 -5.60 3.57
C LEU B 125 2.03 -6.92 2.97
N GLN B 126 2.12 -7.97 3.72
CA GLN B 126 1.81 -9.27 3.19
C GLN B 126 0.34 -9.37 2.84
N VAL B 127 -0.51 -8.89 3.71
CA VAL B 127 -1.94 -8.99 3.47
C VAL B 127 -2.33 -8.42 2.12
N THR B 128 -1.78 -7.28 1.75
CA THR B 128 -2.10 -6.64 0.50
C THR B 128 -1.22 -7.11 -0.65
N SER B 129 -0.26 -7.95 -0.35
CA SER B 129 0.55 -8.60 -1.37
C SER B 129 -0.45 -9.39 -2.19
N GLU B 130 -1.49 -9.84 -1.51
CA GLU B 130 -2.61 -10.56 -2.08
C GLU B 130 -3.59 -9.58 -2.74
N LYS B 131 -4.51 -9.06 -1.93
CA LYS B 131 -5.45 -8.03 -2.32
C LYS B 131 -4.88 -7.02 -3.28
N VAL B 132 -4.90 -7.32 -4.56
CA VAL B 132 -4.44 -6.36 -5.55
C VAL B 132 -5.56 -5.76 -6.47
N GLY B 133 -5.87 -6.43 -7.58
CA GLY B 133 -6.84 -5.93 -8.55
C GLY B 133 -6.20 -5.01 -9.56
N ASN B 134 -6.63 -5.11 -10.82
CA ASN B 134 -6.11 -4.25 -11.89
C ASN B 134 -7.04 -3.06 -12.18
N LEU B 135 -6.88 -2.47 -13.36
CA LEU B 135 -7.71 -1.35 -13.79
C LEU B 135 -9.18 -1.74 -13.81
N ALA B 136 -9.47 -2.96 -14.23
CA ALA B 136 -10.83 -3.50 -14.27
C ALA B 136 -11.47 -3.59 -12.90
N PHE B 137 -10.71 -4.09 -11.92
CA PHE B 137 -11.17 -4.21 -10.53
C PHE B 137 -11.46 -2.84 -9.93
N LEU B 138 -10.68 -1.86 -10.36
CA LEU B 138 -10.83 -0.47 -9.94
C LEU B 138 -12.08 0.14 -10.57
N LEU B 139 -12.40 -0.29 -11.79
CA LEU B 139 -13.61 0.12 -12.50
C LEU B 139 -14.85 -0.46 -11.83
N VAL B 140 -14.77 -1.75 -11.50
CA VAL B 140 -15.82 -2.45 -10.75
C VAL B 140 -16.07 -1.77 -9.41
N THR B 141 -15.00 -1.36 -8.73
CA THR B 141 -15.10 -0.66 -7.44
C THR B 141 -15.86 0.65 -7.60
N GLY B 142 -15.55 1.40 -8.65
CA GLY B 142 -16.24 2.63 -8.98
C GLY B 142 -17.73 2.42 -9.18
N ARG B 143 -18.08 1.38 -9.94
CA ARG B 143 -19.48 1.05 -10.24
C ARG B 143 -20.25 0.59 -9.01
N ILE B 144 -19.58 -0.13 -8.11
CA ILE B 144 -20.18 -0.55 -6.85
C ILE B 144 -20.52 0.66 -5.98
N ALA B 145 -19.56 1.58 -5.86
CA ALA B 145 -19.79 2.86 -5.17
C ALA B 145 -20.94 3.64 -5.81
N GLN B 146 -20.94 3.73 -7.14
CA GLN B 146 -22.04 4.34 -7.88
C GLN B 146 -23.37 3.71 -7.52
N THR B 147 -23.42 2.38 -7.56
CA THR B 147 -24.61 1.61 -7.23
C THR B 147 -25.13 1.91 -5.81
N LEU B 148 -24.21 1.94 -4.84
CA LEU B 148 -24.57 2.23 -3.45
C LEU B 148 -25.04 3.66 -3.23
N LEU B 149 -24.34 4.61 -3.87
CA LEU B 149 -24.70 6.01 -3.79
C LEU B 149 -26.07 6.30 -4.42
N ASN B 150 -26.34 5.68 -5.58
CA ASN B 150 -27.61 5.87 -6.28
C ASN B 150 -28.79 5.30 -5.53
N LEU B 151 -28.61 4.12 -4.95
CA LEU B 151 -29.65 3.47 -4.14
C LEU B 151 -29.96 4.24 -2.86
N ALA B 152 -28.96 4.90 -2.28
CA ALA B 152 -29.13 5.71 -1.09
C ALA B 152 -29.91 7.01 -1.37
N LYS B 153 -29.96 7.40 -2.64
CA LYS B 153 -30.68 8.60 -3.09
C LYS B 153 -32.16 8.34 -3.41
N GLN B 154 -32.49 7.09 -3.73
CA GLN B 154 -33.83 6.71 -4.16
C GLN B 154 -34.87 6.83 -3.03
N PRO B 155 -36.15 7.06 -3.37
CA PRO B 155 -37.23 7.20 -2.38
C PRO B 155 -37.38 6.05 -1.39
N ASP B 156 -37.16 4.82 -1.83
CA ASP B 156 -37.35 3.64 -0.98
C ASP B 156 -36.20 3.37 0.00
N ALA B 157 -35.30 4.32 0.15
CA ALA B 157 -34.20 4.23 1.12
C ALA B 157 -34.70 4.65 2.50
N MET B 158 -34.30 3.91 3.52
CA MET B 158 -34.73 4.17 4.90
C MET B 158 -33.68 4.97 5.66
N THR B 159 -34.15 5.94 6.43
CA THR B 159 -33.28 6.80 7.24
C THR B 159 -32.62 6.01 8.38
N HIS B 160 -31.33 6.24 8.58
CA HIS B 160 -30.53 5.54 9.58
C HIS B 160 -29.68 6.56 10.32
N PRO B 161 -29.44 6.35 11.64
CA PRO B 161 -28.58 7.25 12.41
C PRO B 161 -27.21 7.50 11.79
N ASP B 162 -26.68 6.52 11.05
CA ASP B 162 -25.36 6.63 10.43
C ASP B 162 -25.39 7.03 8.95
N GLY B 163 -26.58 7.02 8.35
CA GLY B 163 -26.75 7.42 6.95
C GLY B 163 -28.10 7.04 6.36
N MET B 164 -28.06 6.38 5.21
CA MET B 164 -29.27 5.85 4.56
C MET B 164 -29.15 4.35 4.37
N GLN B 165 -30.18 3.63 4.80
CA GLN B 165 -30.20 2.18 4.70
C GLN B 165 -30.88 1.71 3.41
N ILE B 166 -30.20 0.83 2.69
CA ILE B 166 -30.69 0.27 1.43
C ILE B 166 -30.75 -1.25 1.50
N LYS B 167 -31.67 -1.84 0.72
CA LYS B 167 -31.88 -3.28 0.71
C LYS B 167 -31.39 -3.86 -0.61
N ILE B 168 -30.19 -4.43 -0.57
CA ILE B 168 -29.61 -5.09 -1.74
C ILE B 168 -28.60 -6.17 -1.32
N THR B 169 -28.64 -7.31 -2.00
CA THR B 169 -27.69 -8.37 -1.77
C THR B 169 -26.41 -8.12 -2.55
N ARG B 170 -25.34 -8.79 -2.15
CA ARG B 170 -24.06 -8.79 -2.84
C ARG B 170 -24.19 -9.38 -4.25
N GLN B 171 -25.04 -10.40 -4.38
CA GLN B 171 -25.33 -11.04 -5.65
C GLN B 171 -25.98 -10.06 -6.65
N GLU B 172 -26.87 -9.21 -6.14
CA GLU B 172 -27.56 -8.22 -6.97
C GLU B 172 -26.61 -7.10 -7.41
N ILE B 173 -25.78 -6.63 -6.49
CA ILE B 173 -24.74 -5.65 -6.82
C ILE B 173 -23.84 -6.20 -7.93
N GLY B 174 -23.40 -7.45 -7.77
CA GLY B 174 -22.57 -8.13 -8.76
C GLY B 174 -23.20 -8.24 -10.14
N GLN B 175 -24.49 -8.54 -10.17
CA GLN B 175 -25.25 -8.63 -11.41
C GLN B 175 -25.29 -7.29 -12.15
N ILE B 176 -25.55 -6.23 -11.40
CA ILE B 176 -25.58 -4.86 -11.91
C ILE B 176 -24.21 -4.41 -12.43
N VAL B 177 -23.20 -4.58 -11.58
CA VAL B 177 -21.86 -4.07 -11.83
C VAL B 177 -21.03 -4.99 -12.75
N GLY B 178 -21.50 -6.23 -12.93
CA GLY B 178 -20.80 -7.20 -13.78
C GLY B 178 -19.56 -7.80 -13.15
N CYS B 179 -19.67 -8.25 -11.91
CA CYS B 179 -18.66 -9.08 -11.26
C CYS B 179 -19.31 -10.13 -10.36
N SER B 180 -18.51 -11.06 -9.83
CA SER B 180 -19.02 -12.09 -8.92
C SER B 180 -19.42 -11.51 -7.56
N ARG B 181 -20.28 -12.23 -6.84
CA ARG B 181 -20.72 -11.80 -5.52
C ARG B 181 -19.58 -11.89 -4.50
N GLU B 182 -18.59 -12.73 -4.78
CA GLU B 182 -17.39 -12.83 -3.97
C GLU B 182 -16.57 -11.54 -4.08
N THR B 183 -16.42 -11.01 -5.29
CA THR B 183 -15.71 -9.75 -5.54
C THR B 183 -16.43 -8.60 -4.84
N VAL B 184 -17.76 -8.60 -4.90
CA VAL B 184 -18.57 -7.61 -4.16
C VAL B 184 -18.32 -7.71 -2.66
N GLY B 185 -18.31 -8.92 -2.12
CA GLY B 185 -18.03 -9.15 -0.71
C GLY B 185 -16.73 -8.51 -0.25
N ARG B 186 -15.67 -8.74 -1.02
CA ARG B 186 -14.35 -8.17 -0.73
C ARG B 186 -14.33 -6.64 -0.73
N ILE B 187 -15.00 -6.04 -1.70
CA ILE B 187 -15.10 -4.59 -1.81
C ILE B 187 -15.98 -3.99 -0.69
N LEU B 188 -17.11 -4.62 -0.41
CA LEU B 188 -17.98 -4.25 0.71
C LEU B 188 -17.28 -4.34 2.08
N LYS B 189 -16.55 -5.43 2.30
CA LYS B 189 -15.75 -5.57 3.54
C LYS B 189 -14.71 -4.46 3.65
N MET B 190 -14.04 -4.15 2.54
CA MET B 190 -13.09 -3.04 2.49
C MET B 190 -13.76 -1.71 2.85
N LEU B 191 -14.91 -1.43 2.25
CA LEU B 191 -15.63 -0.19 2.51
C LEU B 191 -16.09 -0.09 3.95
N GLU B 192 -16.47 -1.24 4.53
CA GLU B 192 -16.87 -1.30 5.94
C GLU B 192 -15.67 -1.10 6.89
N ASP B 193 -14.52 -1.70 6.57
CA ASP B 193 -13.27 -1.47 7.31
C ASP B 193 -12.89 0.01 7.31
N GLN B 194 -13.20 0.70 6.22
CA GLN B 194 -12.78 2.09 6.02
C GLN B 194 -13.75 3.14 6.58
N ASN B 195 -14.78 2.67 7.29
CA ASN B 195 -15.82 3.54 7.89
C ASN B 195 -16.67 4.27 6.83
N LEU B 196 -16.96 3.59 5.74
CA LEU B 196 -17.73 4.18 4.64
C LEU B 196 -19.14 3.60 4.57
N ILE B 197 -19.27 2.33 4.92
CA ILE B 197 -20.56 1.65 4.98
C ILE B 197 -20.61 0.69 6.18
N SER B 198 -21.80 0.17 6.46
CA SER B 198 -21.95 -1.01 7.30
C SER B 198 -22.93 -1.96 6.63
N ALA B 199 -22.67 -3.26 6.77
CA ALA B 199 -23.51 -4.27 6.16
C ALA B 199 -24.03 -5.25 7.20
N HIS B 200 -25.33 -5.52 7.16
CA HIS B 200 -25.95 -6.52 8.02
C HIS B 200 -27.09 -7.19 7.28
N GLY B 201 -27.11 -8.52 7.34
CA GLY B 201 -28.06 -9.31 6.57
C GLY B 201 -28.01 -8.92 5.11
N LYS B 202 -29.17 -8.52 4.58
CA LYS B 202 -29.29 -8.07 3.19
C LYS B 202 -29.30 -6.54 3.06
N THR B 203 -29.10 -5.86 4.19
CA THR B 203 -29.14 -4.39 4.22
C THR B 203 -27.75 -3.77 4.32
N ILE B 204 -27.61 -2.58 3.75
CA ILE B 204 -26.37 -1.81 3.80
C ILE B 204 -26.69 -0.38 4.21
N VAL B 205 -25.94 0.12 5.19
CA VAL B 205 -26.04 1.53 5.56
C VAL B 205 -24.93 2.28 4.85
N VAL B 206 -25.30 3.20 3.97
CA VAL B 206 -24.35 4.08 3.29
C VAL B 206 -24.17 5.34 4.14
N TYR B 207 -22.95 5.58 4.61
CA TYR B 207 -22.70 6.68 5.52
C TYR B 207 -22.70 8.04 4.82
N GLY B 208 -23.13 9.07 5.57
CA GLY B 208 -23.05 10.45 5.12
C GLY B 208 -24.21 10.91 4.27
N THR B 209 -24.94 9.95 3.73
CA THR B 209 -26.06 10.21 2.82
C THR B 209 -27.34 10.59 3.57
#